data_6AAS
#
_entry.id   6AAS
#
_entity_poly.entity_id   1
_entity_poly.type   'polyribonucleotide'
_entity_poly.pdbx_seq_one_letter_code
;GGUAAGUGUACUGGAAAGUGCACUUGCC
;
_entity_poly.pdbx_strand_id   A
#